data_4PYQ
#
_entry.id   4PYQ
#
_cell.length_a   125.366
_cell.length_b   125.366
_cell.length_c   77.287
_cell.angle_alpha   90.00
_cell.angle_beta   90.00
_cell.angle_gamma   120.00
#
_symmetry.space_group_name_H-M   'H 3'
#
loop_
_entity.id
_entity.type
_entity.pdbx_description
1 polymer 'Catechol O-methyltransferase'
2 non-polymer 4-({[3-(aminomethyl)phenyl]carbamoyl}amino)benzenecarboximidamide
3 non-polymer 'ACETATE ION'
4 non-polymer 'SODIUM ION'
5 non-polymer 'SULFATE ION'
6 non-polymer 'CHLORIDE ION'
7 water water
#
_entity_poly.entity_id   1
_entity_poly.type   'polypeptide(L)'
_entity_poly.pdbx_seq_one_letter_code
;MGDTKEQRILRYVQQNAKPGDPQSVLEAIDTYCTQKEWAMNVGDAKGQIMDAVIREYSPSLVLELGAYCGYSAVRMARLL
QPGARLLTMEINPDCAAITQQMLNFAGLQDKVTILNGASQDLIPQLKKKYDVDTLDMVFLDHWKDRYLPDTLLLEKCGLL
RKGTVLLADNVIVPGTPDFLAYVRGSSSFECTHYSSYLEYMKVVDGLEKAIYQGPSSPDKS
;
_entity_poly.pdbx_strand_id   A,B
#
loop_
_chem_comp.id
_chem_comp.type
_chem_comp.name
_chem_comp.formula
2X1 non-polymer 4-({[3-(aminomethyl)phenyl]carbamoyl}amino)benzenecarboximidamide 'C15 H17 N5 O'
ACT non-polymer 'ACETATE ION' 'C2 H3 O2 -1'
CL non-polymer 'CHLORIDE ION' 'Cl -1'
NA non-polymer 'SODIUM ION' 'Na 1'
SO4 non-polymer 'SULFATE ION' 'O4 S -2'
#
# COMPACT_ATOMS: atom_id res chain seq x y z
N ASP A 3 -12.00 -34.69 -4.22
CA ASP A 3 -11.81 -33.79 -3.09
C ASP A 3 -11.18 -32.50 -3.56
N THR A 4 -11.91 -31.38 -3.50
CA THR A 4 -11.41 -30.13 -4.07
C THR A 4 -10.39 -29.52 -3.17
N LYS A 5 -9.56 -28.65 -3.72
CA LYS A 5 -8.57 -27.95 -2.93
C LYS A 5 -9.21 -27.12 -1.83
N GLU A 6 -10.33 -26.46 -2.12
CA GLU A 6 -10.93 -25.58 -1.12
C GLU A 6 -11.72 -26.36 -0.07
N GLN A 7 -12.16 -27.57 -0.42
CA GLN A 7 -12.65 -28.51 0.59
C GLN A 7 -11.51 -28.90 1.52
N ARG A 8 -10.36 -29.17 0.95
CA ARG A 8 -9.17 -29.58 1.70
C ARG A 8 -8.57 -28.48 2.55
N ILE A 9 -8.62 -27.25 2.08
CA ILE A 9 -8.26 -26.10 2.91
C ILE A 9 -9.18 -26.00 4.13
N LEU A 10 -10.48 -26.15 3.90
CA LEU A 10 -11.47 -25.99 4.94
C LEU A 10 -11.21 -27.02 6.01
N ARG A 11 -10.98 -28.25 5.56
CA ARG A 11 -10.67 -29.33 6.47
C ARG A 11 -9.45 -29.03 7.28
N TYR A 12 -8.39 -28.59 6.65
CA TYR A 12 -7.16 -28.32 7.37
C TYR A 12 -7.41 -27.30 8.46
N VAL A 13 -8.19 -26.27 8.14
CA VAL A 13 -8.44 -25.21 9.08
C VAL A 13 -9.19 -25.81 10.27
N GLN A 14 -10.25 -26.56 9.97
CA GLN A 14 -11.13 -27.07 11.00
C GLN A 14 -10.38 -27.99 11.96
N GLN A 15 -9.36 -28.66 11.44
CA GLN A 15 -8.56 -29.59 12.22
C GLN A 15 -7.48 -28.87 13.01
N ASN A 16 -7.09 -27.71 12.55
CA ASN A 16 -5.87 -27.09 13.05
C ASN A 16 -5.99 -25.69 13.64
N ALA A 17 -6.93 -24.88 13.15
CA ALA A 17 -7.02 -23.52 13.65
C ALA A 17 -7.80 -23.47 14.95
N LYS A 18 -7.61 -22.41 15.72
CA LYS A 18 -8.35 -22.19 16.94
C LYS A 18 -9.70 -21.64 16.57
N PRO A 19 -10.77 -22.30 17.02
CA PRO A 19 -12.10 -21.81 16.66
C PRO A 19 -12.43 -20.40 17.17
N GLY A 20 -13.20 -19.65 16.40
CA GLY A 20 -13.55 -18.29 16.77
C GLY A 20 -12.38 -17.32 16.69
N ASP A 21 -11.26 -17.75 16.11
CA ASP A 21 -10.05 -16.95 16.01
C ASP A 21 -9.74 -16.70 14.54
N PRO A 22 -10.15 -15.53 14.03
CA PRO A 22 -9.84 -15.12 12.67
C PRO A 22 -8.35 -15.21 12.31
N GLN A 23 -7.48 -14.64 13.14
CA GLN A 23 -6.07 -14.62 12.83
C GLN A 23 -5.55 -16.05 12.77
N SER A 24 -6.03 -16.90 13.67
CA SER A 24 -5.63 -18.29 13.63
C SER A 24 -6.06 -18.94 12.34
N VAL A 25 -7.26 -18.61 11.89
CA VAL A 25 -7.80 -19.22 10.68
C VAL A 25 -7.00 -18.76 9.46
N LEU A 26 -6.71 -17.46 9.38
CA LEU A 26 -5.87 -16.93 8.32
C LEU A 26 -4.51 -17.61 8.31
N GLU A 27 -3.96 -17.86 9.50
CA GLU A 27 -2.67 -18.53 9.62
C GLU A 27 -2.71 -20.00 9.24
N ALA A 28 -3.84 -20.66 9.45
CA ALA A 28 -4.03 -22.05 9.04
C ALA A 28 -4.14 -22.20 7.50
N ILE A 29 -4.88 -21.32 6.84
CA ILE A 29 -4.99 -21.35 5.37
C ILE A 29 -3.65 -21.05 4.70
N ASP A 30 -2.97 -20.01 5.13
CA ASP A 30 -1.68 -19.65 4.54
C ASP A 30 -0.70 -20.83 4.66
N THR A 31 -0.47 -21.26 5.89
CA THR A 31 0.42 -22.38 6.23
C THR A 31 0.17 -23.64 5.40
N TYR A 32 -1.06 -23.87 5.01
CA TYR A 32 -1.44 -25.08 4.27
C TYR A 32 -1.23 -24.92 2.76
N CYS A 33 -1.84 -23.89 2.20
CA CYS A 33 -1.58 -23.50 0.84
C CYS A 33 -0.11 -23.34 0.57
N THR A 34 0.64 -22.80 1.51
CA THR A 34 2.07 -22.62 1.26
C THR A 34 2.75 -23.98 1.17
N GLN A 35 2.44 -24.88 2.11
CA GLN A 35 3.01 -26.23 2.12
C GLN A 35 2.63 -26.97 0.85
N LYS A 36 1.38 -26.84 0.45
CA LYS A 36 0.92 -27.47 -0.77
C LYS A 36 1.50 -26.78 -2.00
N GLU A 37 2.17 -25.67 -1.75
CA GLU A 37 2.68 -24.81 -2.80
C GLU A 37 1.54 -24.46 -3.75
N TRP A 38 0.33 -24.36 -3.20
CA TRP A 38 -0.83 -23.83 -3.94
C TRP A 38 -0.83 -22.31 -3.93
N ALA A 39 -0.24 -21.71 -2.92
CA ALA A 39 -0.18 -20.26 -2.86
C ALA A 39 0.81 -19.85 -1.81
N MET A 40 1.82 -19.11 -2.21
CA MET A 40 2.89 -18.74 -1.31
C MET A 40 2.59 -17.46 -0.54
N ASN A 41 2.79 -17.57 0.77
CA ASN A 41 2.74 -16.45 1.69
C ASN A 41 1.62 -15.46 1.42
N VAL A 42 0.39 -15.94 1.30
CA VAL A 42 -0.73 -15.08 0.94
C VAL A 42 -0.91 -13.94 1.93
N GLY A 43 -0.50 -14.14 3.17
CA GLY A 43 -0.60 -13.07 4.15
C GLY A 43 0.27 -11.88 3.78
N ASP A 44 1.50 -12.14 3.35
CA ASP A 44 2.39 -11.06 2.92
C ASP A 44 2.07 -10.58 1.54
N ALA A 45 1.68 -11.51 0.67
CA ALA A 45 1.50 -11.20 -0.74
C ALA A 45 0.19 -10.44 -1.04
N LYS A 46 -0.85 -10.68 -0.26
CA LYS A 46 -2.19 -10.17 -0.51
C LYS A 46 -2.89 -9.68 0.77
N GLY A 47 -2.82 -10.44 1.86
CA GLY A 47 -3.55 -10.08 3.06
C GLY A 47 -3.16 -8.72 3.60
N GLN A 48 -1.86 -8.47 3.71
CA GLN A 48 -1.37 -7.23 4.28
C GLN A 48 -1.80 -6.01 3.49
N ILE A 49 -1.96 -6.16 2.19
CA ILE A 49 -2.38 -5.05 1.35
C ILE A 49 -3.84 -4.74 1.61
N MET A 50 -4.65 -5.79 1.67
CA MET A 50 -6.07 -5.66 1.96
C MET A 50 -6.28 -4.91 3.25
N ASP A 51 -5.52 -5.28 4.27
CA ASP A 51 -5.59 -4.63 5.56
C ASP A 51 -5.28 -3.16 5.45
N ALA A 52 -4.24 -2.82 4.68
CA ALA A 52 -3.81 -1.43 4.56
C ALA A 52 -4.89 -0.61 3.92
N VAL A 53 -5.56 -1.19 2.93
CA VAL A 53 -6.65 -0.51 2.25
C VAL A 53 -7.87 -0.34 3.15
N ILE A 54 -8.25 -1.37 3.89
CA ILE A 54 -9.37 -1.29 4.81
C ILE A 54 -9.10 -0.23 5.86
N ARG A 55 -7.89 -0.19 6.37
CA ARG A 55 -7.51 0.77 7.39
C ARG A 55 -7.47 2.20 6.90
N GLU A 56 -7.06 2.40 5.65
CA GLU A 56 -7.01 3.73 5.07
C GLU A 56 -8.39 4.29 4.84
N TYR A 57 -9.28 3.46 4.35
CA TYR A 57 -10.61 3.91 3.93
C TYR A 57 -11.74 3.65 4.94
N SER A 58 -11.53 2.72 5.87
CA SER A 58 -12.54 2.34 6.85
C SER A 58 -13.96 2.29 6.27
N PRO A 59 -14.22 1.34 5.36
CA PRO A 59 -15.55 1.24 4.75
C PRO A 59 -16.63 0.74 5.73
N SER A 60 -17.86 1.19 5.49
CA SER A 60 -19.01 0.72 6.25
C SER A 60 -19.60 -0.44 5.52
N LEU A 61 -19.51 -0.39 4.19
CA LEU A 61 -20.01 -1.44 3.33
C LEU A 61 -18.99 -1.85 2.30
N VAL A 62 -18.59 -3.12 2.38
CA VAL A 62 -17.67 -3.71 1.42
C VAL A 62 -18.40 -4.76 0.63
N LEU A 63 -18.18 -4.76 -0.67
CA LEU A 63 -18.73 -5.78 -1.52
C LEU A 63 -17.58 -6.57 -2.09
N GLU A 64 -17.60 -7.86 -1.83
CA GLU A 64 -16.65 -8.77 -2.42
C GLU A 64 -17.33 -9.55 -3.52
N LEU A 65 -16.69 -9.52 -4.68
CA LEU A 65 -17.14 -10.23 -5.86
C LEU A 65 -16.13 -11.33 -6.14
N GLY A 66 -16.53 -12.58 -5.90
CA GLY A 66 -15.63 -13.68 -6.03
C GLY A 66 -15.08 -14.10 -4.69
N ALA A 67 -15.11 -15.40 -4.46
CA ALA A 67 -14.58 -16.00 -3.26
C ALA A 67 -14.20 -17.44 -3.61
N TYR A 68 -13.02 -17.85 -3.21
CA TYR A 68 -12.58 -19.19 -3.48
C TYR A 68 -12.83 -20.01 -2.23
N CYS A 69 -11.99 -19.87 -1.21
CA CYS A 69 -12.15 -20.63 0.03
C CYS A 69 -12.59 -19.79 1.22
N GLY A 70 -12.66 -18.48 1.06
CA GLY A 70 -13.06 -17.61 2.14
C GLY A 70 -11.94 -16.86 2.83
N TYR A 71 -10.69 -17.09 2.48
CA TYR A 71 -9.57 -16.36 3.10
C TYR A 71 -9.84 -14.85 3.08
N SER A 72 -10.26 -14.34 1.94
CA SER A 72 -10.39 -12.90 1.77
C SER A 72 -11.51 -12.34 2.63
N ALA A 73 -12.60 -13.08 2.70
CA ALA A 73 -13.76 -12.67 3.48
C ALA A 73 -13.37 -12.61 4.94
N VAL A 74 -12.59 -13.59 5.40
CA VAL A 74 -12.14 -13.59 6.78
C VAL A 74 -11.21 -12.42 7.01
N ARG A 75 -10.29 -12.23 6.09
CA ARG A 75 -9.29 -11.17 6.18
C ARG A 75 -9.98 -9.81 6.34
N MET A 76 -11.03 -9.58 5.57
CA MET A 76 -11.68 -8.29 5.56
C MET A 76 -12.66 -8.16 6.70
N ALA A 77 -13.45 -9.22 6.95
CA ALA A 77 -14.47 -9.19 7.98
C ALA A 77 -13.88 -9.00 9.38
N ARG A 78 -12.68 -9.48 9.62
CA ARG A 78 -12.07 -9.37 10.95
C ARG A 78 -11.71 -7.92 11.30
N LEU A 79 -11.71 -7.04 10.32
CA LEU A 79 -11.31 -5.65 10.52
C LEU A 79 -12.49 -4.68 10.51
N LEU A 80 -13.68 -5.19 10.23
CA LEU A 80 -14.84 -4.33 10.10
C LEU A 80 -15.39 -4.07 11.45
N GLN A 81 -15.65 -2.81 11.74
CA GLN A 81 -16.08 -2.47 13.08
C GLN A 81 -17.60 -2.63 13.21
N PRO A 82 -18.14 -2.46 14.42
CA PRO A 82 -19.58 -2.63 14.51
C PRO A 82 -20.25 -1.62 13.60
N GLY A 83 -21.26 -2.05 12.88
CA GLY A 83 -21.92 -1.15 11.95
C GLY A 83 -21.38 -1.22 10.54
N ALA A 84 -20.25 -1.89 10.35
CA ALA A 84 -19.75 -2.16 9.02
C ALA A 84 -20.10 -3.60 8.65
N ARG A 85 -20.26 -3.88 7.35
CA ARG A 85 -20.60 -5.22 6.90
C ARG A 85 -20.00 -5.55 5.54
N LEU A 86 -19.88 -6.84 5.29
CA LEU A 86 -19.35 -7.37 4.04
C LEU A 86 -20.45 -8.10 3.34
N LEU A 87 -20.55 -7.87 2.04
CA LEU A 87 -21.43 -8.64 1.19
C LEU A 87 -20.54 -9.40 0.22
N THR A 88 -20.76 -10.70 0.10
CA THR A 88 -19.93 -11.51 -0.77
C THR A 88 -20.79 -12.18 -1.81
N MET A 89 -20.42 -12.04 -3.07
CA MET A 89 -21.07 -12.76 -4.15
C MET A 89 -20.06 -13.72 -4.76
N GLU A 90 -20.50 -14.96 -4.98
CA GLU A 90 -19.68 -15.95 -5.65
C GLU A 90 -20.61 -16.87 -6.44
N ILE A 91 -20.29 -17.07 -7.72
CA ILE A 91 -21.11 -17.89 -8.63
C ILE A 91 -21.01 -19.40 -8.37
N ASN A 92 -19.85 -19.87 -7.97
CA ASN A 92 -19.67 -21.28 -7.71
C ASN A 92 -20.25 -21.68 -6.35
N PRO A 93 -21.28 -22.54 -6.31
CA PRO A 93 -21.91 -22.88 -5.03
C PRO A 93 -21.04 -23.51 -3.97
N ASP A 94 -20.05 -24.31 -4.34
CA ASP A 94 -19.16 -24.90 -3.33
C ASP A 94 -18.21 -23.89 -2.69
N CYS A 95 -17.65 -23.02 -3.52
CA CYS A 95 -16.80 -21.96 -3.01
C CYS A 95 -17.58 -21.07 -2.05
N ALA A 96 -18.80 -20.73 -2.45
CA ALA A 96 -19.66 -19.93 -1.58
C ALA A 96 -19.85 -20.62 -0.24
N ALA A 97 -20.00 -21.94 -0.26
CA ALA A 97 -20.31 -22.71 0.95
C ALA A 97 -19.08 -22.91 1.80
N ILE A 98 -17.96 -23.14 1.14
CA ILE A 98 -16.71 -23.20 1.85
C ILE A 98 -16.48 -21.86 2.55
N THR A 99 -16.79 -20.78 1.83
CA THR A 99 -16.55 -19.44 2.34
C THR A 99 -17.40 -19.25 3.57
N GLN A 100 -18.65 -19.69 3.52
CA GLN A 100 -19.53 -19.56 4.65
C GLN A 100 -19.02 -20.36 5.85
N GLN A 101 -18.54 -21.56 5.60
CA GLN A 101 -18.12 -22.44 6.66
C GLN A 101 -16.83 -21.93 7.22
N MET A 102 -16.10 -21.20 6.41
CA MET A 102 -14.84 -20.64 6.84
C MET A 102 -15.09 -19.46 7.75
N LEU A 103 -16.09 -18.65 7.43
CA LEU A 103 -16.45 -17.53 8.28
C LEU A 103 -17.06 -18.02 9.57
N ASN A 104 -17.83 -19.09 9.48
CA ASN A 104 -18.31 -19.76 10.68
C ASN A 104 -17.19 -20.10 11.66
N PHE A 105 -16.21 -20.87 11.21
CA PHE A 105 -15.12 -21.30 12.06
C PHE A 105 -14.40 -20.12 12.73
N ALA A 106 -14.33 -19.00 12.02
CA ALA A 106 -13.62 -17.83 12.50
C ALA A 106 -14.52 -16.97 13.38
N GLY A 107 -15.81 -17.30 13.36
CA GLY A 107 -16.79 -16.59 14.16
C GLY A 107 -17.25 -15.28 13.56
N LEU A 108 -17.10 -15.15 12.25
CA LEU A 108 -17.32 -13.87 11.58
C LEU A 108 -18.59 -13.85 10.76
N GLN A 109 -19.42 -14.87 10.92
CA GLN A 109 -20.58 -15.02 10.06
C GLN A 109 -21.58 -13.86 10.19
N ASP A 110 -21.66 -13.22 11.35
CA ASP A 110 -22.57 -12.10 11.48
C ASP A 110 -22.10 -10.83 10.79
N LYS A 111 -20.85 -10.81 10.35
CA LYS A 111 -20.31 -9.63 9.67
C LYS A 111 -20.57 -9.69 8.17
N VAL A 112 -21.05 -10.84 7.68
CA VAL A 112 -21.07 -11.11 6.26
C VAL A 112 -22.39 -11.68 5.81
N THR A 113 -22.75 -11.30 4.61
CA THR A 113 -23.83 -11.91 3.90
C THR A 113 -23.25 -12.52 2.63
N ILE A 114 -23.41 -13.84 2.45
CA ILE A 114 -22.97 -14.53 1.23
C ILE A 114 -24.13 -14.78 0.26
N LEU A 115 -23.94 -14.40 -1.00
CA LEU A 115 -24.92 -14.62 -2.05
C LEU A 115 -24.32 -15.54 -3.11
N ASN A 116 -25.03 -16.61 -3.42
CA ASN A 116 -24.58 -17.53 -4.44
C ASN A 116 -25.28 -17.17 -5.75
N GLY A 117 -24.52 -16.76 -6.75
CA GLY A 117 -25.11 -16.39 -8.01
C GLY A 117 -24.13 -15.64 -8.86
N ALA A 118 -24.52 -15.38 -10.11
CA ALA A 118 -23.70 -14.63 -11.04
C ALA A 118 -23.76 -13.16 -10.70
N SER A 119 -22.60 -12.52 -10.72
CA SER A 119 -22.50 -11.12 -10.41
C SER A 119 -23.41 -10.27 -11.28
N GLN A 120 -23.51 -10.63 -12.56
CA GLN A 120 -24.33 -9.88 -13.50
C GLN A 120 -25.82 -9.89 -13.12
N ASP A 121 -26.22 -10.92 -12.41
CA ASP A 121 -27.59 -11.07 -11.97
C ASP A 121 -27.82 -10.50 -10.60
N LEU A 122 -26.82 -10.61 -9.73
CA LEU A 122 -26.98 -10.14 -8.36
C LEU A 122 -26.73 -8.67 -8.24
N ILE A 123 -25.81 -8.13 -9.02
CA ILE A 123 -25.42 -6.74 -8.84
C ILE A 123 -26.60 -5.78 -8.99
N PRO A 124 -27.41 -5.96 -10.05
CA PRO A 124 -28.56 -5.08 -10.27
C PRO A 124 -29.65 -5.16 -9.18
N GLN A 125 -29.62 -6.21 -8.37
CA GLN A 125 -30.58 -6.37 -7.30
C GLN A 125 -30.16 -5.76 -6.00
N LEU A 126 -28.94 -5.25 -5.93
CA LEU A 126 -28.39 -4.75 -4.68
C LEU A 126 -29.17 -3.58 -4.11
N LYS A 127 -29.37 -2.56 -4.92
CA LYS A 127 -30.06 -1.40 -4.41
C LYS A 127 -31.49 -1.76 -4.03
N LYS A 128 -32.20 -2.31 -5.00
CA LYS A 128 -33.56 -2.75 -4.81
C LYS A 128 -33.65 -3.81 -3.71
N LYS A 129 -33.19 -5.01 -4.01
CA LYS A 129 -33.46 -6.15 -3.17
C LYS A 129 -32.67 -6.08 -1.85
N TYR A 130 -31.52 -5.45 -1.86
CA TYR A 130 -30.63 -5.54 -0.70
C TYR A 130 -30.41 -4.17 -0.01
N ASP A 131 -31.14 -3.16 -0.48
CA ASP A 131 -31.17 -1.83 0.14
C ASP A 131 -29.80 -1.18 0.36
N VAL A 132 -29.03 -1.19 -0.72
CA VAL A 132 -27.75 -0.55 -0.80
C VAL A 132 -28.00 0.75 -1.57
N ASP A 133 -27.31 1.82 -1.22
CA ASP A 133 -27.27 2.99 -2.10
C ASP A 133 -26.01 2.97 -2.93
N THR A 134 -24.87 3.06 -2.27
CA THR A 134 -23.59 2.93 -2.96
C THR A 134 -22.65 2.13 -2.09
N LEU A 135 -21.50 1.79 -2.65
CA LEU A 135 -20.50 0.99 -1.97
C LEU A 135 -19.32 1.84 -1.56
N ASP A 136 -18.75 1.50 -0.41
CA ASP A 136 -17.56 2.17 0.07
C ASP A 136 -16.34 1.52 -0.51
N MET A 137 -16.41 0.21 -0.64
CA MET A 137 -15.31 -0.58 -1.15
CA MET A 137 -15.31 -0.58 -1.15
C MET A 137 -15.80 -1.80 -1.87
N VAL A 138 -15.07 -2.18 -2.92
CA VAL A 138 -15.36 -3.41 -3.65
C VAL A 138 -14.07 -4.17 -3.70
N PHE A 139 -14.13 -5.44 -3.34
CA PHE A 139 -12.99 -6.33 -3.52
C PHE A 139 -13.30 -7.34 -4.61
N LEU A 140 -12.52 -7.28 -5.68
CA LEU A 140 -12.66 -8.18 -6.82
C LEU A 140 -11.70 -9.32 -6.66
N ASP A 141 -12.20 -10.54 -6.75
CA ASP A 141 -11.46 -11.71 -6.36
C ASP A 141 -11.83 -12.92 -7.24
N HIS A 142 -10.90 -13.86 -7.40
CA HIS A 142 -11.24 -15.22 -7.83
C HIS A 142 -11.39 -15.38 -9.34
N TRP A 143 -12.33 -14.65 -9.94
CA TRP A 143 -12.58 -14.77 -11.38
C TRP A 143 -12.22 -13.50 -12.10
N LYS A 144 -10.97 -13.42 -12.54
CA LYS A 144 -10.46 -12.24 -13.21
C LYS A 144 -11.21 -11.81 -14.46
N ASP A 145 -11.81 -12.78 -15.14
CA ASP A 145 -12.51 -12.49 -16.39
CA ASP A 145 -12.51 -12.49 -16.39
C ASP A 145 -13.76 -11.65 -16.15
N ARG A 146 -14.25 -11.67 -14.90
CA ARG A 146 -15.43 -10.89 -14.53
C ARG A 146 -15.09 -9.48 -14.02
N TYR A 147 -13.82 -9.19 -13.79
CA TYR A 147 -13.45 -7.90 -13.20
C TYR A 147 -13.87 -6.69 -13.99
N LEU A 148 -13.60 -6.65 -15.28
CA LEU A 148 -14.05 -5.53 -16.09
C LEU A 148 -15.57 -5.44 -16.20
N PRO A 149 -16.25 -6.55 -16.53
CA PRO A 149 -17.71 -6.39 -16.67
C PRO A 149 -18.40 -6.12 -15.33
N ASP A 150 -17.82 -6.60 -14.23
CA ASP A 150 -18.34 -6.26 -12.91
C ASP A 150 -18.27 -4.75 -12.66
N THR A 151 -17.10 -4.20 -12.97
CA THR A 151 -16.82 -2.80 -12.76
C THR A 151 -17.82 -1.96 -13.54
N LEU A 152 -17.98 -2.26 -14.81
CA LEU A 152 -18.94 -1.55 -15.63
C LEU A 152 -20.39 -1.68 -15.12
N LEU A 153 -20.78 -2.84 -14.63
CA LEU A 153 -22.15 -3.03 -14.19
C LEU A 153 -22.36 -2.28 -12.89
N LEU A 154 -21.32 -2.21 -12.08
CA LEU A 154 -21.43 -1.51 -10.81
C LEU A 154 -21.67 -0.05 -11.06
N GLU A 155 -20.99 0.52 -12.05
CA GLU A 155 -21.23 1.91 -12.46
C GLU A 155 -22.61 2.13 -13.05
N LYS A 156 -22.97 1.28 -14.00
CA LYS A 156 -24.29 1.29 -14.59
C LYS A 156 -25.39 1.25 -13.54
N CYS A 157 -25.20 0.45 -12.50
CA CYS A 157 -26.20 0.27 -11.47
C CYS A 157 -26.16 1.38 -10.43
N GLY A 158 -25.28 2.34 -10.65
CA GLY A 158 -25.17 3.51 -9.81
C GLY A 158 -24.66 3.22 -8.41
N LEU A 159 -23.85 2.17 -8.29
CA LEU A 159 -23.40 1.67 -7.02
C LEU A 159 -22.05 2.20 -6.56
N LEU A 160 -21.37 2.95 -7.40
CA LEU A 160 -20.10 3.54 -7.01
C LEU A 160 -20.30 5.02 -6.77
N ARG A 161 -19.60 5.55 -5.78
CA ARG A 161 -19.63 6.98 -5.53
C ARG A 161 -18.19 7.47 -5.57
N LYS A 162 -18.03 8.78 -5.58
CA LYS A 162 -16.70 9.33 -5.51
C LYS A 162 -16.07 8.86 -4.23
N GLY A 163 -14.91 8.22 -4.38
CA GLY A 163 -14.14 7.71 -3.27
C GLY A 163 -14.33 6.23 -3.01
N THR A 164 -15.19 5.59 -3.79
CA THR A 164 -15.40 4.17 -3.63
C THR A 164 -14.14 3.51 -4.08
N VAL A 165 -13.58 2.65 -3.24
CA VAL A 165 -12.31 2.03 -3.51
C VAL A 165 -12.54 0.65 -4.02
N LEU A 166 -12.02 0.38 -5.20
CA LEU A 166 -12.04 -0.97 -5.75
C LEU A 166 -10.67 -1.57 -5.56
N LEU A 167 -10.62 -2.80 -5.10
CA LEU A 167 -9.35 -3.50 -5.00
C LEU A 167 -9.48 -4.86 -5.65
N ALA A 168 -8.65 -5.12 -6.66
CA ALA A 168 -8.70 -6.32 -7.47
C ALA A 168 -7.49 -7.18 -7.24
N ASP A 169 -7.72 -8.43 -6.92
CA ASP A 169 -6.66 -9.37 -6.71
C ASP A 169 -6.28 -10.13 -7.97
N ASN A 170 -5.00 -10.48 -8.04
CA ASN A 170 -4.49 -11.32 -9.10
C ASN A 170 -4.52 -10.62 -10.44
N VAL A 171 -4.11 -9.36 -10.39
CA VAL A 171 -4.01 -8.52 -11.55
C VAL A 171 -2.54 -8.42 -11.87
N ILE A 172 -2.02 -9.43 -12.57
CA ILE A 172 -0.61 -9.55 -12.90
C ILE A 172 -0.44 -9.55 -14.42
N VAL A 173 0.19 -8.49 -14.94
CA VAL A 173 0.55 -8.40 -16.36
C VAL A 173 1.28 -9.66 -16.82
N PRO A 174 0.91 -10.19 -17.98
CA PRO A 174 0.01 -9.70 -19.02
C PRO A 174 -1.46 -10.16 -18.87
N GLY A 175 -1.89 -10.43 -17.65
CA GLY A 175 -3.26 -10.82 -17.42
C GLY A 175 -4.15 -9.59 -17.34
N THR A 176 -5.46 -9.80 -17.43
CA THR A 176 -6.47 -8.73 -17.37
C THR A 176 -6.08 -7.40 -18.05
N PRO A 177 -5.54 -7.46 -19.28
CA PRO A 177 -5.08 -6.26 -19.97
C PRO A 177 -6.18 -5.21 -20.20
N ASP A 178 -7.42 -5.67 -20.42
CA ASP A 178 -8.53 -4.77 -20.66
C ASP A 178 -9.01 -4.20 -19.35
N PHE A 179 -9.12 -5.01 -18.31
CA PHE A 179 -9.47 -4.45 -17.01
C PHE A 179 -8.54 -3.30 -16.62
N LEU A 180 -7.23 -3.55 -16.69
CA LEU A 180 -6.25 -2.53 -16.39
C LEU A 180 -6.31 -1.33 -17.33
N ALA A 181 -6.37 -1.57 -18.63
CA ALA A 181 -6.43 -0.44 -19.56
C ALA A 181 -7.69 0.40 -19.30
N TYR A 182 -8.78 -0.24 -18.92
CA TYR A 182 -10.04 0.47 -18.66
C TYR A 182 -9.97 1.43 -17.48
N VAL A 183 -9.60 0.90 -16.32
CA VAL A 183 -9.54 1.73 -15.12
C VAL A 183 -8.44 2.76 -15.19
N ARG A 184 -7.30 2.43 -15.76
CA ARG A 184 -6.24 3.41 -15.85
C ARG A 184 -6.52 4.45 -16.92
N GLY A 185 -7.05 3.96 -18.05
CA GLY A 185 -7.39 4.79 -19.18
C GLY A 185 -8.48 5.76 -18.83
N SER A 186 -9.43 5.32 -18.03
CA SER A 186 -10.58 6.14 -17.66
C SER A 186 -10.27 7.16 -16.57
N SER A 187 -10.70 8.39 -16.76
CA SER A 187 -10.51 9.41 -15.74
C SER A 187 -11.41 9.17 -14.53
N SER A 188 -12.34 8.26 -14.67
CA SER A 188 -13.25 7.93 -13.59
C SER A 188 -12.56 7.10 -12.53
N PHE A 189 -11.28 6.75 -12.74
CA PHE A 189 -10.56 5.95 -11.77
C PHE A 189 -9.17 6.45 -11.53
N GLU A 190 -8.85 6.60 -10.26
CA GLU A 190 -7.52 6.91 -9.84
C GLU A 190 -6.88 5.62 -9.36
N CYS A 191 -5.74 5.26 -9.98
CA CYS A 191 -5.21 3.92 -9.90
C CYS A 191 -3.82 3.78 -9.28
N THR A 192 -3.66 2.71 -8.52
CA THR A 192 -2.38 2.36 -7.88
C THR A 192 -2.18 0.86 -8.03
N HIS A 193 -1.04 0.44 -8.54
CA HIS A 193 -0.75 -0.99 -8.62
C HIS A 193 0.20 -1.42 -7.52
N TYR A 194 -0.09 -2.59 -6.95
CA TYR A 194 0.73 -3.20 -5.94
C TYR A 194 1.30 -4.48 -6.53
N SER A 195 2.61 -4.62 -6.52
CA SER A 195 3.26 -5.88 -6.89
C SER A 195 3.99 -6.47 -5.69
N SER A 196 3.59 -7.67 -5.27
CA SER A 196 4.23 -8.36 -4.16
C SER A 196 5.19 -9.38 -4.70
N TYR A 197 6.45 -9.25 -4.35
CA TYR A 197 7.47 -10.16 -4.78
C TYR A 197 7.83 -11.21 -3.73
N LEU A 198 7.31 -11.01 -2.51
CA LEU A 198 7.84 -11.72 -1.34
C LEU A 198 9.37 -11.56 -1.44
N GLU A 199 10.13 -12.62 -1.17
CA GLU A 199 11.57 -12.49 -1.20
C GLU A 199 12.20 -12.74 -2.57
N TYR A 200 11.38 -12.97 -3.58
CA TYR A 200 11.88 -13.40 -4.88
C TYR A 200 11.91 -12.34 -6.00
N MET A 201 12.54 -12.68 -7.12
CA MET A 201 12.69 -11.79 -8.26
C MET A 201 11.38 -11.54 -8.93
N LYS A 202 10.47 -12.51 -8.87
CA LYS A 202 9.25 -12.49 -9.68
C LYS A 202 7.99 -12.21 -8.89
N VAL A 203 7.06 -11.49 -9.49
CA VAL A 203 5.82 -11.12 -8.82
C VAL A 203 5.06 -12.34 -8.42
N VAL A 204 4.66 -12.37 -7.16
CA VAL A 204 3.86 -13.45 -6.59
C VAL A 204 2.36 -13.11 -6.73
N ASP A 205 1.96 -11.90 -6.33
CA ASP A 205 0.60 -11.44 -6.52
C ASP A 205 0.62 -10.00 -6.94
N GLY A 206 -0.37 -9.61 -7.74
CA GLY A 206 -0.55 -8.22 -8.14
C GLY A 206 -1.95 -7.77 -7.84
N LEU A 207 -2.08 -6.56 -7.30
CA LEU A 207 -3.38 -5.97 -6.98
C LEU A 207 -3.49 -4.58 -7.54
N GLU A 208 -4.69 -4.20 -7.93
CA GLU A 208 -4.92 -2.86 -8.43
C GLU A 208 -5.95 -2.21 -7.54
N LYS A 209 -5.62 -1.02 -7.04
CA LYS A 209 -6.57 -0.15 -6.34
C LYS A 209 -6.99 0.87 -7.36
N ALA A 210 -8.29 1.00 -7.56
CA ALA A 210 -8.84 2.00 -8.44
C ALA A 210 -9.90 2.76 -7.65
N ILE A 211 -9.70 4.06 -7.43
CA ILE A 211 -10.65 4.86 -6.66
CA ILE A 211 -10.67 4.83 -6.67
C ILE A 211 -11.60 5.57 -7.62
N TYR A 212 -12.91 5.31 -7.51
CA TYR A 212 -13.86 5.93 -8.42
C TYR A 212 -13.86 7.43 -8.23
N GLN A 213 -13.83 8.14 -9.34
CA GLN A 213 -13.76 9.58 -9.36
C GLN A 213 -15.00 10.21 -9.99
N GLY A 214 -15.98 9.40 -10.37
CA GLY A 214 -17.24 9.90 -10.90
C GLY A 214 -17.35 9.60 -12.38
N PRO A 215 -18.50 9.91 -12.99
CA PRO A 215 -18.62 9.67 -14.42
C PRO A 215 -17.92 10.73 -15.26
N ASP B 3 17.92 30.97 -8.17
CA ASP B 3 16.60 30.90 -7.53
C ASP B 3 15.95 29.55 -7.81
N THR B 4 16.25 28.57 -6.96
CA THR B 4 15.92 27.16 -7.27
C THR B 4 14.45 26.84 -7.16
N LYS B 5 14.07 25.73 -7.73
CA LYS B 5 12.72 25.26 -7.60
C LYS B 5 12.37 24.99 -6.14
N GLU B 6 13.28 24.36 -5.41
CA GLU B 6 12.99 24.04 -4.01
C GLU B 6 12.94 25.30 -3.15
N GLN B 7 13.63 26.35 -3.57
CA GLN B 7 13.53 27.65 -2.88
C GLN B 7 12.19 28.33 -3.14
N ARG B 8 11.66 28.19 -4.34
CA ARG B 8 10.41 28.82 -4.72
C ARG B 8 9.27 28.06 -4.09
N ILE B 9 9.51 26.80 -3.76
CA ILE B 9 8.52 25.99 -3.08
C ILE B 9 8.44 26.41 -1.63
N LEU B 10 9.59 26.51 -1.00
CA LEU B 10 9.66 27.01 0.35
C LEU B 10 8.88 28.30 0.40
N ARG B 11 9.30 29.26 -0.41
CA ARG B 11 8.69 30.57 -0.44
C ARG B 11 7.20 30.46 -0.55
N TYR B 12 6.71 29.69 -1.49
CA TYR B 12 5.28 29.55 -1.65
C TYR B 12 4.62 29.06 -0.37
N VAL B 13 5.29 28.17 0.34
CA VAL B 13 4.72 27.63 1.57
C VAL B 13 4.67 28.73 2.61
N GLN B 14 5.77 29.43 2.77
CA GLN B 14 5.85 30.50 3.74
C GLN B 14 4.84 31.60 3.49
N GLN B 15 4.36 31.73 2.24
CA GLN B 15 3.40 32.76 1.89
C GLN B 15 1.96 32.29 1.98
N ASN B 16 1.73 30.98 2.08
CA ASN B 16 0.41 30.43 1.84
C ASN B 16 -0.04 29.34 2.81
N ALA B 17 0.91 28.65 3.41
CA ALA B 17 0.61 27.57 4.35
C ALA B 17 0.31 28.10 5.74
N LYS B 18 -0.45 27.37 6.54
CA LYS B 18 -0.74 27.81 7.90
C LYS B 18 0.44 27.43 8.79
N PRO B 19 1.05 28.43 9.46
CA PRO B 19 2.21 28.13 10.31
C PRO B 19 1.96 27.03 11.33
N GLY B 20 2.91 26.12 11.47
CA GLY B 20 2.80 25.06 12.44
C GLY B 20 1.72 24.03 12.12
N ASP B 21 1.32 23.95 10.86
CA ASP B 21 0.23 23.06 10.45
C ASP B 21 0.75 22.16 9.34
N PRO B 22 1.28 20.99 9.71
CA PRO B 22 1.92 20.14 8.71
C PRO B 22 1.03 19.84 7.50
N GLN B 23 -0.27 19.63 7.73
CA GLN B 23 -1.19 19.32 6.67
C GLN B 23 -1.30 20.48 5.71
N SER B 24 -1.34 21.68 6.24
CA SER B 24 -1.44 22.86 5.40
C SER B 24 -0.22 22.95 4.55
N VAL B 25 0.92 22.66 5.18
CA VAL B 25 2.20 22.77 4.53
C VAL B 25 2.29 21.80 3.38
N LEU B 26 1.91 20.54 3.63
CA LEU B 26 1.90 19.54 2.58
C LEU B 26 0.98 19.98 1.44
N GLU B 27 -0.20 20.50 1.75
CA GLU B 27 -1.12 20.95 0.72
C GLU B 27 -0.54 22.05 -0.13
N ALA B 28 0.20 22.94 0.49
CA ALA B 28 0.72 24.10 -0.20
C ALA B 28 1.77 23.62 -1.20
N ILE B 29 2.61 22.69 -0.76
CA ILE B 29 3.62 22.13 -1.64
C ILE B 29 2.97 21.44 -2.83
N ASP B 30 2.06 20.53 -2.52
CA ASP B 30 1.38 19.69 -3.51
C ASP B 30 0.75 20.61 -4.58
N THR B 31 0.01 21.62 -4.14
CA THR B 31 -0.59 22.62 -4.99
C THR B 31 0.36 23.28 -5.97
N TYR B 32 1.34 23.95 -5.41
CA TYR B 32 2.28 24.71 -6.18
C TYR B 32 2.97 23.87 -7.24
N CYS B 33 3.46 22.71 -6.85
CA CYS B 33 4.14 21.83 -7.80
C CYS B 33 3.18 21.31 -8.85
N THR B 34 1.97 20.92 -8.47
CA THR B 34 1.00 20.46 -9.45
C THR B 34 0.72 21.59 -10.44
N GLN B 35 0.38 22.75 -9.91
CA GLN B 35 0.18 23.93 -10.75
C GLN B 35 1.38 24.14 -11.65
N LYS B 36 2.56 24.13 -11.07
CA LYS B 36 3.78 24.42 -11.81
C LYS B 36 4.11 23.27 -12.73
N GLU B 37 3.52 22.10 -12.44
CA GLU B 37 3.81 20.85 -13.13
C GLU B 37 5.22 20.37 -12.89
N TRP B 38 5.78 20.66 -11.72
CA TRP B 38 7.03 20.04 -11.31
C TRP B 38 6.79 18.63 -10.73
N ALA B 39 5.55 18.38 -10.35
CA ALA B 39 5.17 17.13 -9.73
C ALA B 39 3.68 17.17 -9.56
N MET B 40 3.00 16.12 -10.00
CA MET B 40 1.53 16.10 -10.02
C MET B 40 0.96 15.27 -8.87
N ASN B 41 0.10 15.88 -8.08
CA ASN B 41 -0.60 15.21 -6.98
C ASN B 41 0.29 14.32 -6.11
N VAL B 42 1.32 14.93 -5.55
CA VAL B 42 2.30 14.22 -4.74
C VAL B 42 1.66 13.60 -3.52
N GLY B 43 0.59 14.20 -3.04
CA GLY B 43 -0.19 13.62 -1.95
C GLY B 43 -0.73 12.24 -2.29
N ASP B 44 -1.42 12.11 -3.41
CA ASP B 44 -1.97 10.85 -3.84
C ASP B 44 -0.94 9.91 -4.46
N ALA B 45 0.05 10.48 -5.12
CA ALA B 45 1.03 9.67 -5.85
C ALA B 45 2.11 9.06 -4.93
N LYS B 46 2.46 9.78 -3.89
CA LYS B 46 3.58 9.43 -3.02
C LYS B 46 3.18 9.50 -1.53
N GLY B 47 2.55 10.60 -1.12
CA GLY B 47 2.27 10.83 0.28
C GLY B 47 1.46 9.73 0.88
N GLN B 48 0.36 9.36 0.24
CA GLN B 48 -0.55 8.39 0.82
C GLN B 48 0.19 7.09 1.09
N ILE B 49 1.13 6.76 0.22
CA ILE B 49 1.82 5.48 0.34
C ILE B 49 2.75 5.55 1.50
N MET B 50 3.44 6.67 1.64
CA MET B 50 4.31 6.88 2.78
C MET B 50 3.58 6.70 4.09
N ASP B 51 2.44 7.35 4.22
CA ASP B 51 1.62 7.26 5.40
C ASP B 51 1.24 5.84 5.80
N ALA B 52 0.86 5.04 4.81
CA ALA B 52 0.39 3.68 5.02
C ALA B 52 1.51 2.82 5.52
N VAL B 53 2.71 3.07 5.01
CA VAL B 53 3.88 2.35 5.48
C VAL B 53 4.24 2.72 6.91
N ILE B 54 4.28 4.00 7.22
CA ILE B 54 4.49 4.48 8.57
C ILE B 54 3.47 3.83 9.49
N ARG B 55 2.20 3.86 9.11
CA ARG B 55 1.14 3.37 9.96
C ARG B 55 1.15 1.87 10.17
N GLU B 56 1.58 1.12 9.14
CA GLU B 56 1.68 -0.31 9.26
C GLU B 56 2.82 -0.74 10.17
N TYR B 57 3.89 0.03 10.19
CA TYR B 57 5.09 -0.34 10.91
C TYR B 57 5.35 0.45 12.21
N SER B 58 4.80 1.64 12.34
CA SER B 58 4.94 2.45 13.56
C SER B 58 6.37 2.46 14.08
N PRO B 59 7.29 2.87 13.23
CA PRO B 59 8.72 2.88 13.54
C PRO B 59 9.05 3.92 14.59
N SER B 60 10.03 3.66 15.45
CA SER B 60 10.54 4.65 16.41
C SER B 60 11.67 5.45 15.81
N LEU B 61 12.42 4.81 14.91
CA LEU B 61 13.55 5.45 14.27
C LEU B 61 13.52 5.25 12.75
N VAL B 62 13.35 6.37 12.05
CA VAL B 62 13.34 6.41 10.60
C VAL B 62 14.57 7.19 10.10
N LEU B 63 15.27 6.64 9.13
CA LEU B 63 16.36 7.35 8.49
C LEU B 63 15.95 7.73 7.09
N GLU B 64 15.94 9.03 6.82
CA GLU B 64 15.72 9.53 5.49
C GLU B 64 17.04 9.83 4.85
N LEU B 65 17.29 9.16 3.74
CA LEU B 65 18.47 9.42 2.92
C LEU B 65 18.04 10.14 1.65
N GLY B 66 18.38 11.42 1.58
CA GLY B 66 17.96 12.27 0.50
C GLY B 66 16.76 13.11 0.88
N ALA B 67 16.87 14.40 0.62
CA ALA B 67 15.76 15.35 0.82
C ALA B 67 15.90 16.45 -0.19
N TYR B 68 14.78 16.82 -0.80
CA TYR B 68 14.76 17.85 -1.81
C TYR B 68 14.23 19.16 -1.23
N CYS B 69 12.96 19.20 -0.87
CA CYS B 69 12.37 20.45 -0.42
C CYS B 69 11.82 20.31 1.00
N GLY B 70 11.87 19.08 1.49
CA GLY B 70 11.37 18.75 2.80
C GLY B 70 9.98 18.14 2.81
N TYR B 71 9.34 17.99 1.66
CA TYR B 71 8.01 17.39 1.63
C TYR B 71 7.97 16.05 2.40
N SER B 72 8.92 15.17 2.10
CA SER B 72 8.86 13.82 2.62
C SER B 72 9.08 13.79 4.12
N ALA B 73 9.98 14.63 4.58
CA ALA B 73 10.29 14.75 6.00
C ALA B 73 9.08 15.23 6.82
N VAL B 74 8.35 16.22 6.30
CA VAL B 74 7.13 16.70 6.93
C VAL B 74 6.12 15.58 6.91
N ARG B 75 6.03 14.90 5.79
CA ARG B 75 5.01 13.90 5.63
C ARG B 75 5.19 12.82 6.70
N MET B 76 6.44 12.40 6.92
CA MET B 76 6.74 11.31 7.84
C MET B 76 6.73 11.80 9.28
N ALA B 77 7.36 12.95 9.50
CA ALA B 77 7.50 13.52 10.85
C ALA B 77 6.17 13.78 11.51
N ARG B 78 5.21 14.20 10.71
CA ARG B 78 3.91 14.57 11.26
C ARG B 78 3.19 13.35 11.84
N LEU B 79 3.57 12.16 11.41
CA LEU B 79 2.94 10.94 11.87
C LEU B 79 3.70 10.27 13.02
N LEU B 80 4.87 10.78 13.38
CA LEU B 80 5.68 10.10 14.36
C LEU B 80 5.21 10.42 15.74
N GLN B 81 5.07 9.41 16.59
CA GLN B 81 4.55 9.65 17.92
C GLN B 81 5.68 10.07 18.90
N PRO B 82 5.33 10.61 20.07
CA PRO B 82 6.39 11.00 20.99
C PRO B 82 7.32 9.83 21.25
N GLY B 83 8.61 10.04 21.17
CA GLY B 83 9.53 8.95 21.37
C GLY B 83 9.98 8.36 20.06
N ALA B 84 9.36 8.81 18.97
CA ALA B 84 9.77 8.42 17.63
C ALA B 84 10.51 9.59 16.98
N ARG B 85 11.51 9.30 16.16
CA ARG B 85 12.23 10.38 15.52
C ARG B 85 12.68 10.06 14.11
N LEU B 86 12.91 11.12 13.35
CA LEU B 86 13.41 11.04 12.00
C LEU B 86 14.82 11.60 11.98
N LEU B 87 15.72 10.89 11.33
CA LEU B 87 17.03 11.44 11.02
C LEU B 87 17.11 11.58 9.52
N THR B 88 17.55 12.75 9.04
CA THR B 88 17.54 13.01 7.62
C THR B 88 18.95 13.31 7.13
N MET B 89 19.34 12.73 6.00
CA MET B 89 20.63 13.01 5.38
C MET B 89 20.41 13.49 3.97
N GLU B 90 21.17 14.49 3.58
CA GLU B 90 21.14 15.04 2.24
C GLU B 90 22.47 15.72 1.94
N ILE B 91 23.04 15.39 0.79
CA ILE B 91 24.36 15.86 0.40
C ILE B 91 24.35 17.33 -0.04
N ASN B 92 23.29 17.73 -0.71
CA ASN B 92 23.18 19.08 -1.17
C ASN B 92 22.78 20.02 -0.04
N PRO B 93 23.63 21.00 0.29
CA PRO B 93 23.39 21.87 1.44
C PRO B 93 22.17 22.75 1.31
N ASP B 94 21.84 23.18 0.11
CA ASP B 94 20.68 24.01 -0.06
C ASP B 94 19.42 23.22 0.26
N CYS B 95 19.37 21.99 -0.25
CA CYS B 95 18.22 21.13 -0.07
C CYS B 95 18.06 20.76 1.38
N ALA B 96 19.17 20.45 2.02
CA ALA B 96 19.18 20.26 3.45
C ALA B 96 18.54 21.47 4.15
N ALA B 97 18.99 22.67 3.82
CA ALA B 97 18.53 23.86 4.53
C ALA B 97 17.06 24.15 4.27
N ILE B 98 16.63 24.04 3.03
CA ILE B 98 15.24 24.20 2.69
C ILE B 98 14.43 23.22 3.50
N THR B 99 14.93 22.00 3.60
CA THR B 99 14.22 20.99 4.35
C THR B 99 14.06 21.42 5.79
N GLN B 100 15.11 21.95 6.40
CA GLN B 100 15.05 22.40 7.77
C GLN B 100 14.04 23.50 7.91
N GLN B 101 14.13 24.47 7.02
CA GLN B 101 13.21 25.56 7.06
C GLN B 101 11.81 25.11 6.82
N MET B 102 11.62 24.10 5.98
CA MET B 102 10.29 23.56 5.76
C MET B 102 9.78 22.88 7.02
N LEU B 103 10.62 22.13 7.71
CA LEU B 103 10.18 21.54 8.96
C LEU B 103 9.86 22.61 9.99
N ASN B 104 10.66 23.67 10.06
CA ASN B 104 10.40 24.74 10.98
C ASN B 104 8.99 25.31 10.84
N PHE B 105 8.62 25.62 9.60
CA PHE B 105 7.33 26.23 9.33
C PHE B 105 6.21 25.30 9.80
N ALA B 106 6.39 24.00 9.60
CA ALA B 106 5.40 23.04 10.04
C ALA B 106 5.41 22.83 11.55
N GLY B 107 6.45 23.31 12.21
CA GLY B 107 6.60 23.11 13.65
C GLY B 107 7.01 21.69 13.96
N LEU B 108 7.70 21.05 13.04
CA LEU B 108 8.13 19.66 13.24
C LEU B 108 9.61 19.51 13.48
N GLN B 109 10.32 20.59 13.76
CA GLN B 109 11.77 20.57 13.81
C GLN B 109 12.30 19.69 14.93
N ASP B 110 11.51 19.54 15.98
CA ASP B 110 11.98 18.78 17.13
C ASP B 110 11.77 17.26 16.99
N LYS B 111 11.19 16.84 15.89
CA LYS B 111 10.99 15.43 15.58
C LYS B 111 12.10 14.93 14.67
N VAL B 112 12.91 15.86 14.18
CA VAL B 112 13.83 15.59 13.10
C VAL B 112 15.22 16.16 13.39
N THR B 113 16.22 15.42 12.92
CA THR B 113 17.63 15.82 12.98
C THR B 113 18.14 15.79 11.54
N ILE B 114 18.54 16.94 11.01
CA ILE B 114 19.11 17.01 9.67
C ILE B 114 20.65 17.01 9.68
N LEU B 115 21.25 16.14 8.87
CA LEU B 115 22.70 16.12 8.66
C LEU B 115 22.99 16.40 7.19
N ASN B 116 23.78 17.43 6.92
CA ASN B 116 24.13 17.73 5.54
C ASN B 116 25.49 17.12 5.19
N GLY B 117 25.50 16.00 4.48
CA GLY B 117 26.73 15.33 4.14
C GLY B 117 26.47 14.12 3.26
N ALA B 118 27.55 13.48 2.80
CA ALA B 118 27.46 12.29 1.95
C ALA B 118 27.02 11.08 2.77
N SER B 119 26.02 10.38 2.28
CA SER B 119 25.56 9.19 2.97
C SER B 119 26.69 8.20 3.19
N GLN B 120 27.59 8.09 2.21
CA GLN B 120 28.72 7.19 2.33
C GLN B 120 29.61 7.50 3.54
N ASP B 121 29.70 8.78 3.90
CA ASP B 121 30.52 9.22 5.02
C ASP B 121 29.74 9.26 6.33
N LEU B 122 28.45 9.53 6.23
CA LEU B 122 27.60 9.74 7.39
C LEU B 122 27.04 8.44 7.93
N ILE B 123 26.67 7.52 7.06
CA ILE B 123 26.11 6.26 7.51
C ILE B 123 27.04 5.56 8.51
N PRO B 124 28.35 5.50 8.22
CA PRO B 124 29.21 4.75 9.14
C PRO B 124 29.39 5.44 10.47
N GLN B 125 28.91 6.65 10.60
CA GLN B 125 29.03 7.38 11.86
C GLN B 125 27.79 7.26 12.70
N LEU B 126 26.77 6.58 12.20
CA LEU B 126 25.51 6.53 12.89
C LEU B 126 25.56 5.77 14.20
N LYS B 127 26.21 4.61 14.17
CA LYS B 127 26.31 3.84 15.39
C LYS B 127 27.16 4.58 16.40
N LYS B 128 28.42 4.85 16.07
CA LYS B 128 29.28 5.62 16.92
C LYS B 128 28.67 6.98 17.26
N LYS B 129 28.73 7.88 16.29
CA LYS B 129 28.42 9.28 16.53
C LYS B 129 26.98 9.49 16.98
N TYR B 130 26.05 8.70 16.48
CA TYR B 130 24.64 9.01 16.69
C TYR B 130 23.83 8.03 17.56
N ASP B 131 24.51 7.09 18.22
CA ASP B 131 23.86 6.14 19.13
C ASP B 131 22.69 5.41 18.48
N VAL B 132 22.93 4.96 17.27
CA VAL B 132 21.99 4.18 16.53
C VAL B 132 22.51 2.79 16.62
N ASP B 133 21.66 1.85 16.98
CA ASP B 133 22.06 0.47 16.86
C ASP B 133 21.55 -0.07 15.55
N THR B 134 20.22 -0.08 15.38
CA THR B 134 19.63 -0.41 14.10
C THR B 134 18.46 0.51 13.78
N LEU B 135 17.93 0.37 12.57
CA LEU B 135 16.86 1.22 12.06
C LEU B 135 15.57 0.45 11.88
N ASP B 136 14.46 1.11 12.16
CA ASP B 136 13.16 0.50 12.00
C ASP B 136 12.72 0.75 10.59
N MET B 137 13.07 1.91 10.06
CA MET B 137 12.67 2.26 8.72
CA MET B 137 12.67 2.26 8.72
C MET B 137 13.67 3.20 8.05
N VAL B 138 13.83 3.02 6.74
CA VAL B 138 14.69 3.88 5.97
C VAL B 138 13.89 4.38 4.83
N PHE B 139 13.97 5.67 4.55
CA PHE B 139 13.32 6.23 3.37
C PHE B 139 14.38 6.74 2.40
N LEU B 140 14.44 6.15 1.20
CA LEU B 140 15.41 6.53 0.18
C LEU B 140 14.74 7.48 -0.78
N ASP B 141 15.34 8.63 -0.97
CA ASP B 141 14.70 9.71 -1.68
C ASP B 141 15.74 10.48 -2.49
N HIS B 142 15.29 11.18 -3.51
CA HIS B 142 16.12 12.16 -4.20
C HIS B 142 17.17 11.54 -5.16
N TRP B 143 18.27 11.03 -4.61
CA TRP B 143 19.39 10.57 -5.42
C TRP B 143 19.32 9.08 -5.70
N LYS B 144 18.75 8.72 -6.83
CA LYS B 144 18.50 7.34 -7.16
C LYS B 144 19.77 6.52 -7.32
N ASP B 145 20.81 7.19 -7.72
CA ASP B 145 22.07 6.53 -7.96
C ASP B 145 22.68 6.11 -6.65
N ARG B 146 22.20 6.69 -5.55
CA ARG B 146 22.73 6.35 -4.25
C ARG B 146 21.93 5.28 -3.57
N TYR B 147 20.80 4.87 -4.14
CA TYR B 147 19.94 3.89 -3.49
C TYR B 147 20.64 2.57 -3.23
N LEU B 148 21.21 1.97 -4.26
CA LEU B 148 21.85 0.71 -4.04
C LEU B 148 23.08 0.83 -3.12
N PRO B 149 24.00 1.76 -3.41
CA PRO B 149 25.17 1.86 -2.54
C PRO B 149 24.79 2.05 -1.09
N ASP B 150 23.79 2.90 -0.88
CA ASP B 150 23.27 3.15 0.46
C ASP B 150 22.76 1.88 1.10
N THR B 151 21.96 1.13 0.36
CA THR B 151 21.41 -0.11 0.86
C THR B 151 22.54 -1.04 1.31
N LEU B 152 23.53 -1.22 0.45
CA LEU B 152 24.66 -2.07 0.76
C LEU B 152 25.46 -1.56 1.96
N LEU B 153 25.62 -0.25 2.08
CA LEU B 153 26.43 0.28 3.17
C LEU B 153 25.71 0.12 4.51
N LEU B 154 24.40 0.28 4.51
CA LEU B 154 23.60 0.09 5.71
C LEU B 154 23.77 -1.28 6.27
N GLU B 155 23.72 -2.26 5.38
CA GLU B 155 23.99 -3.65 5.73
C GLU B 155 25.37 -3.78 6.32
N LYS B 156 26.34 -3.19 5.65
CA LYS B 156 27.71 -3.35 6.04
C LYS B 156 27.91 -2.81 7.44
N CYS B 157 27.24 -1.72 7.75
CA CYS B 157 27.43 -1.05 9.02
C CYS B 157 26.64 -1.71 10.13
N GLY B 158 25.86 -2.72 9.78
CA GLY B 158 25.05 -3.44 10.75
C GLY B 158 23.86 -2.64 11.22
N LEU B 159 23.33 -1.83 10.33
CA LEU B 159 22.28 -0.91 10.70
C LEU B 159 20.87 -1.45 10.43
N LEU B 160 20.75 -2.55 9.70
CA LEU B 160 19.46 -3.14 9.41
C LEU B 160 19.24 -4.35 10.29
N ARG B 161 18.00 -4.61 10.66
CA ARG B 161 17.68 -5.80 11.44
C ARG B 161 16.51 -6.47 10.78
N LYS B 162 16.11 -7.64 11.22
CA LYS B 162 15.01 -8.32 10.59
C LYS B 162 13.76 -7.48 10.78
N GLY B 163 13.13 -7.14 9.66
CA GLY B 163 11.94 -6.32 9.66
C GLY B 163 12.17 -4.83 9.44
N THR B 164 13.42 -4.40 9.30
CA THR B 164 13.66 -3.01 8.97
C THR B 164 13.05 -2.76 7.60
N VAL B 165 12.29 -1.69 7.47
CA VAL B 165 11.56 -1.39 6.25
C VAL B 165 12.28 -0.33 5.48
N LEU B 166 12.62 -0.64 4.24
CA LEU B 166 13.11 0.37 3.33
C LEU B 166 12.00 0.76 2.39
N LEU B 167 11.84 2.06 2.20
CA LEU B 167 10.93 2.57 1.19
C LEU B 167 11.72 3.54 0.31
N ALA B 168 11.79 3.25 -0.99
CA ALA B 168 12.49 4.10 -1.94
C ALA B 168 11.49 4.73 -2.86
N ASP B 169 11.65 6.03 -3.06
CA ASP B 169 10.83 6.80 -3.95
C ASP B 169 11.43 6.93 -5.36
N ASN B 170 10.57 7.16 -6.34
CA ASN B 170 10.96 7.40 -7.70
C ASN B 170 11.73 6.22 -8.27
N VAL B 171 11.20 5.04 -7.98
CA VAL B 171 11.72 3.80 -8.51
C VAL B 171 10.82 3.32 -9.64
N ILE B 172 11.09 3.81 -10.85
CA ILE B 172 10.22 3.55 -11.97
C ILE B 172 11.12 2.93 -13.02
N VAL B 173 10.70 1.80 -13.59
CA VAL B 173 11.44 1.20 -14.70
C VAL B 173 11.48 2.18 -15.88
N PRO B 174 12.63 2.33 -16.57
CA PRO B 174 13.93 1.65 -16.41
C PRO B 174 14.93 2.25 -15.42
N GLY B 175 14.46 3.09 -14.51
CA GLY B 175 15.35 3.73 -13.57
C GLY B 175 15.90 2.73 -12.58
N THR B 176 16.83 3.20 -11.74
CA THR B 176 17.34 2.48 -10.56
C THR B 176 17.44 0.99 -10.81
N PRO B 177 17.93 0.61 -12.00
CA PRO B 177 17.89 -0.77 -12.49
C PRO B 177 18.60 -1.71 -11.52
N ASP B 178 19.76 -1.23 -11.09
CA ASP B 178 20.66 -1.97 -10.25
C ASP B 178 20.04 -2.15 -8.88
N PHE B 179 19.42 -1.11 -8.36
CA PHE B 179 18.77 -1.23 -7.07
C PHE B 179 17.59 -2.24 -7.04
N LEU B 180 16.70 -2.18 -8.01
CA LEU B 180 15.55 -3.06 -8.05
C LEU B 180 15.97 -4.50 -8.20
N ALA B 181 16.84 -4.76 -9.16
CA ALA B 181 17.34 -6.12 -9.40
C ALA B 181 17.87 -6.74 -8.09
N TYR B 182 18.65 -5.96 -7.36
CA TYR B 182 19.26 -6.42 -6.13
C TYR B 182 18.28 -6.80 -5.04
N VAL B 183 17.35 -5.90 -4.71
CA VAL B 183 16.48 -6.15 -3.61
C VAL B 183 15.50 -7.23 -3.98
N ARG B 184 15.10 -7.28 -5.25
CA ARG B 184 14.17 -8.32 -5.68
C ARG B 184 14.84 -9.68 -5.70
N GLY B 185 15.99 -9.76 -6.35
CA GLY B 185 16.72 -11.01 -6.40
C GLY B 185 17.23 -11.49 -5.05
N SER B 186 17.62 -10.57 -4.19
CA SER B 186 18.15 -10.92 -2.89
C SER B 186 17.13 -11.60 -2.02
N SER B 187 17.54 -12.64 -1.33
CA SER B 187 16.67 -13.27 -0.35
C SER B 187 16.56 -12.43 0.94
N SER B 188 17.45 -11.47 1.12
CA SER B 188 17.42 -10.63 2.30
C SER B 188 16.38 -9.51 2.20
N PHE B 189 15.58 -9.50 1.14
CA PHE B 189 14.59 -8.44 1.00
C PHE B 189 13.28 -8.94 0.49
N GLU B 190 12.23 -8.65 1.26
CA GLU B 190 10.86 -8.94 0.88
C GLU B 190 10.25 -7.67 0.30
N CYS B 191 9.88 -7.73 -0.96
CA CYS B 191 9.62 -6.56 -1.74
C CYS B 191 8.14 -6.39 -2.16
N THR B 192 7.70 -5.14 -2.15
CA THR B 192 6.43 -4.79 -2.70
C THR B 192 6.64 -3.53 -3.48
N HIS B 193 6.21 -3.53 -4.74
CA HIS B 193 6.29 -2.36 -5.58
C HIS B 193 4.96 -1.65 -5.68
N TYR B 194 5.01 -0.33 -5.51
CA TYR B 194 3.85 0.54 -5.67
C TYR B 194 3.97 1.45 -6.88
N SER B 195 2.99 1.38 -7.76
CA SER B 195 2.96 2.23 -8.93
C SER B 195 1.70 3.11 -8.89
N SER B 196 1.90 4.43 -8.82
CA SER B 196 0.82 5.42 -8.81
C SER B 196 0.60 5.95 -10.20
N TYR B 197 -0.64 5.79 -10.66
CA TYR B 197 -1.02 6.19 -12.00
C TYR B 197 -1.86 7.46 -12.00
N LEU B 198 -2.27 7.92 -10.83
CA LEU B 198 -3.32 8.93 -10.70
C LEU B 198 -4.49 8.55 -11.61
N GLU B 199 -4.92 9.46 -12.47
CA GLU B 199 -6.10 9.23 -13.27
C GLU B 199 -5.83 8.69 -14.67
N TYR B 200 -4.56 8.59 -15.05
CA TYR B 200 -4.22 8.13 -16.42
CA TYR B 200 -4.20 8.18 -16.40
C TYR B 200 -3.44 6.83 -16.36
N MET B 201 -2.61 6.57 -17.36
CA MET B 201 -2.09 5.25 -17.65
CA MET B 201 -2.09 5.24 -17.60
C MET B 201 -0.60 5.21 -17.40
N LYS B 202 0.01 6.37 -17.31
CA LYS B 202 1.44 6.43 -17.14
C LYS B 202 1.79 6.50 -15.66
N VAL B 203 2.74 5.67 -15.24
CA VAL B 203 3.24 5.74 -13.88
C VAL B 203 3.71 7.16 -13.56
N VAL B 204 3.15 7.74 -12.50
CA VAL B 204 3.48 9.08 -12.06
C VAL B 204 4.61 8.94 -11.04
N ASP B 205 4.49 7.97 -10.15
CA ASP B 205 5.57 7.67 -9.22
C ASP B 205 5.58 6.19 -8.97
N GLY B 206 6.77 5.63 -8.82
CA GLY B 206 6.96 4.25 -8.42
C GLY B 206 7.65 4.21 -7.07
N LEU B 207 7.19 3.36 -6.17
CA LEU B 207 7.87 3.19 -4.90
C LEU B 207 8.14 1.72 -4.64
N GLU B 208 9.27 1.45 -4.01
CA GLU B 208 9.58 0.10 -3.64
C GLU B 208 9.67 -0.01 -2.14
N LYS B 209 8.87 -0.89 -1.55
CA LYS B 209 9.06 -1.28 -0.17
C LYS B 209 9.85 -2.56 -0.14
N ALA B 210 10.98 -2.54 0.55
CA ALA B 210 11.84 -3.71 0.72
C ALA B 210 12.14 -3.93 2.19
N ILE B 211 11.72 -5.07 2.73
CA ILE B 211 11.84 -5.38 4.15
CA ILE B 211 11.86 -5.35 4.15
C ILE B 211 13.00 -6.34 4.36
N TYR B 212 13.98 -5.93 5.16
CA TYR B 212 15.19 -6.70 5.40
C TYR B 212 14.86 -7.98 6.15
N GLN B 213 15.36 -9.10 5.64
CA GLN B 213 15.04 -10.39 6.21
C GLN B 213 16.23 -10.99 6.94
N GLY B 214 17.25 -10.18 7.17
CA GLY B 214 18.47 -10.64 7.80
C GLY B 214 19.41 -11.10 6.72
N PRO B 215 20.68 -11.32 7.06
CA PRO B 215 21.71 -11.66 6.10
C PRO B 215 21.64 -13.12 5.65
C1 2X1 C . -19.52 -22.09 -11.94
C2 2X1 C . -16.27 -17.21 -15.00
N3 2X1 C . -20.67 -22.90 -11.69
N4 2X1 C . -19.74 -21.13 -12.97
C5 2X1 C . -17.16 -18.25 -14.48
N6 2X1 C . -14.88 -17.26 -14.75
O7 2X1 C . -18.47 -22.22 -11.32
C8 2X1 C . -20.86 -23.98 -10.78
C9 2X1 C . -18.46 -18.28 -14.92
C10 2X1 C . -16.68 -19.16 -13.56
N11 2X1 C . -16.81 -16.22 -15.66
C12 2X1 C . -18.85 -20.15 -13.48
C13 2X1 C . -22.14 -24.50 -10.71
C14 2X1 C . -19.31 -19.24 -14.41
C15 2X1 C . -17.54 -20.12 -13.05
C16 2X1 C . -22.43 -25.57 -9.89
N17 2X1 C . -24.01 -27.19 -8.96
C18 2X1 C . -20.13 -25.63 -9.19
C19 2X1 C . -19.85 -24.56 -10.02
C20 2X1 C . -23.84 -26.07 -9.85
C21 2X1 C . -21.41 -26.13 -9.12
C ACT D . -16.38 -12.11 -9.61
O ACT D . -17.34 -11.47 -10.09
OXT ACT D . -15.23 -11.60 -9.70
CH3 ACT D . -16.63 -13.41 -8.95
NA NA E . -7.67 6.12 -14.73
S SO4 F . -10.36 -16.41 -1.37
O1 SO4 F . -11.74 -16.37 -0.99
O2 SO4 F . -10.29 -16.00 -2.75
O3 SO4 F . -9.90 -17.75 -1.25
O4 SO4 F . -9.51 -15.56 -0.58
S SO4 G . -3.87 -32.92 2.27
O1 SO4 G . -3.99 -34.03 3.22
O2 SO4 G . -5.22 -32.46 1.89
O3 SO4 G . -3.16 -33.36 1.08
O4 SO4 G . -3.13 -31.85 2.90
NA NA H . 14.06 -10.17 -2.74
C1 2X1 I . 25.73 17.96 -4.41
C2 2X1 I . 24.45 11.81 -6.55
N3 2X1 I . 26.56 18.99 -3.86
N4 2X1 I . 26.39 16.70 -4.58
C5 2X1 I . 24.89 13.12 -6.08
N6 2X1 I . 25.19 10.84 -6.17
O7 2X1 I . 24.57 18.16 -4.71
C8 2X1 I . 26.21 20.37 -3.67
C9 2X1 I . 26.15 13.15 -5.53
C10 2X1 I . 24.10 14.24 -6.14
N11 2X1 I . 23.25 11.63 -7.33
C12 2X1 I . 25.86 15.47 -5.09
C13 2X1 I . 27.23 21.21 -3.24
C14 2X1 I . 26.65 14.33 -5.05
C15 2X1 I . 24.59 15.43 -5.65
C16 2X1 I . 27.03 22.57 -3.05
N17 2X1 I . 27.75 24.52 -1.74
C18 2X1 I . 24.75 22.27 -3.77
C19 2X1 I . 24.97 20.92 -3.95
C20 2X1 I . 28.16 23.43 -2.57
C21 2X1 I . 25.77 23.10 -3.32
C ACT J . 20.71 9.17 -0.86
O ACT J . 19.99 8.29 -1.37
OXT ACT J . 21.72 8.84 -0.23
CH3 ACT J . 20.32 10.61 -1.03
CL CL K . -2.79 13.37 0.23
S SO4 L . 11.29 15.72 -0.95
O1 SO4 L . 10.84 16.85 -1.69
O2 SO4 L . 10.13 14.98 -0.51
O3 SO4 L . 12.10 16.08 0.19
O4 SO4 L . 12.08 14.87 -1.81
S SO4 M . 6.79 31.44 -8.82
O1 SO4 M . 7.39 30.42 -9.66
O2 SO4 M . 5.34 31.26 -8.77
O3 SO4 M . 7.07 32.75 -9.39
O4 SO4 M . 7.37 31.35 -7.48
#